data_2WTS
#
_entry.id   2WTS
#
_cell.length_a   68.348
_cell.length_b   70.523
_cell.length_c   87.278
_cell.angle_alpha   90.00
_cell.angle_beta   90.00
_cell.angle_gamma   90.00
#
_symmetry.space_group_name_H-M   'P 21 21 21'
#
loop_
_entity.id
_entity.type
_entity.pdbx_description
1 polymer 'PUTATIVE SORTASE'
2 non-polymer GLYCEROL
3 non-polymer ALANINE
4 water water
#
_entity_poly.entity_id   1
_entity_poly.type   'polypeptide(L)'
_entity_poly.pdbx_seq_one_letter_code
;GESNQQIADFDKEKATLDEADIDERMKLAQAFNDSLNNVVSGDPWSEEMKKKGRAEYARMLEIHERMGHVEIPVIDVDLP
VYAGTAEEVLQQGAGHLEGTSLPIGGNSTHAVITADTGLPTAKMFTDLTKLKVGDKFYVHNIKEVMAYQVDQVKVIEPTN
FDDLLIVPGHDYVTLLTCTPYMINTHRLLVRGHRIPYVAEVEEEFIAANKLSH
;
_entity_poly.pdbx_strand_id   A,B
#
# COMPACT_ATOMS: atom_id res chain seq x y z
N ASN A 4 4.06 10.77 -26.89
CA ASN A 4 5.23 11.08 -27.79
C ASN A 4 5.03 12.44 -28.43
N GLN A 5 4.51 12.45 -29.65
CA GLN A 5 4.15 13.70 -30.32
C GLN A 5 3.13 14.50 -29.52
N GLN A 6 2.20 13.78 -28.88
CA GLN A 6 1.09 14.40 -28.14
C GLN A 6 1.56 15.13 -26.87
N ILE A 7 2.59 14.57 -26.23
CA ILE A 7 3.16 15.17 -25.04
C ILE A 7 4.01 16.38 -25.43
N ALA A 8 4.80 16.23 -26.50
CA ALA A 8 5.55 17.35 -27.07
C ALA A 8 4.64 18.51 -27.42
N ASP A 9 3.48 18.20 -28.03
CA ASP A 9 2.44 19.19 -28.39
CA ASP A 9 2.52 19.23 -28.40
C ASP A 9 1.95 19.92 -27.16
N PHE A 10 1.59 19.16 -26.13
CA PHE A 10 1.10 19.74 -24.89
C PHE A 10 2.14 20.70 -24.32
N ASP A 11 3.38 20.24 -24.15
CA ASP A 11 4.44 21.03 -23.54
C ASP A 11 4.78 22.29 -24.37
N LYS A 12 4.85 22.12 -25.69
CA LYS A 12 5.12 23.26 -26.59
C LYS A 12 4.05 24.36 -26.48
N GLU A 13 2.79 23.95 -26.56
CA GLU A 13 1.66 24.89 -26.45
C GLU A 13 1.60 25.49 -25.04
N LYS A 14 1.84 24.67 -24.02
CA LYS A 14 1.87 25.14 -22.64
C LYS A 14 2.83 26.33 -22.49
N ALA A 15 4.01 26.24 -23.10
CA ALA A 15 5.06 27.25 -22.94
C ALA A 15 4.70 28.59 -23.55
N THR A 16 3.73 28.59 -24.47
CA THR A 16 3.32 29.82 -25.13
C THR A 16 2.17 30.54 -24.41
N LEU A 17 1.50 29.85 -23.50
CA LEU A 17 0.32 30.43 -22.86
C LEU A 17 0.67 31.69 -22.08
N ASP A 18 -0.14 32.74 -22.25
CA ASP A 18 0.04 33.97 -21.50
C ASP A 18 -0.25 33.70 -20.03
N GLU A 19 0.38 34.48 -19.16
CA GLU A 19 0.14 34.35 -17.73
C GLU A 19 -1.32 34.62 -17.34
N ALA A 20 -1.96 35.60 -17.98
CA ALA A 20 -3.37 35.88 -17.69
C ALA A 20 -4.28 34.71 -18.03
N ASP A 21 -3.95 34.02 -19.12
CA ASP A 21 -4.65 32.83 -19.59
C ASP A 21 -4.49 31.70 -18.55
N ILE A 22 -3.24 31.42 -18.17
CA ILE A 22 -2.98 30.41 -17.14
CA ILE A 22 -2.94 30.44 -17.11
C ILE A 22 -3.70 30.78 -15.85
N ASP A 23 -3.62 32.05 -15.44
CA ASP A 23 -4.28 32.46 -14.21
C ASP A 23 -5.79 32.23 -14.23
N GLU A 24 -6.44 32.54 -15.36
CA GLU A 24 -7.88 32.34 -15.45
CA GLU A 24 -7.87 32.34 -15.47
C GLU A 24 -8.23 30.85 -15.45
N ARG A 25 -7.43 30.06 -16.15
CA ARG A 25 -7.69 28.63 -16.21
C ARG A 25 -7.54 28.03 -14.83
N MET A 26 -6.50 28.44 -14.11
CA MET A 26 -6.27 27.93 -12.76
C MET A 26 -7.32 28.40 -11.77
N LYS A 27 -7.82 29.64 -11.91
CA LYS A 27 -8.94 30.15 -11.11
CA LYS A 27 -8.91 30.12 -11.09
C LYS A 27 -10.11 29.18 -11.23
N LEU A 28 -10.43 28.84 -12.48
CA LEU A 28 -11.57 27.98 -12.74
C LEU A 28 -11.33 26.58 -12.19
N ALA A 29 -10.12 26.05 -12.36
CA ALA A 29 -9.80 24.69 -11.87
C ALA A 29 -9.82 24.65 -10.35
N GLN A 30 -9.31 25.72 -9.72
CA GLN A 30 -9.29 25.79 -8.27
C GLN A 30 -10.72 25.89 -7.72
N ALA A 31 -11.56 26.70 -8.35
CA ALA A 31 -12.97 26.80 -7.96
C ALA A 31 -13.69 25.45 -8.09
N PHE A 32 -13.37 24.71 -9.15
CA PHE A 32 -13.95 23.39 -9.35
C PHE A 32 -13.54 22.46 -8.19
N ASN A 33 -12.26 22.47 -7.83
CA ASN A 33 -11.80 21.60 -6.76
C ASN A 33 -12.37 22.00 -5.41
N ASP A 34 -12.44 23.31 -5.17
CA ASP A 34 -12.93 23.81 -3.88
C ASP A 34 -14.42 23.51 -3.70
N SER A 35 -15.15 23.34 -4.81
CA SER A 35 -16.61 23.04 -4.79
C SER A 35 -16.93 21.57 -5.12
N LEU A 36 -15.89 20.73 -5.12
CA LEU A 36 -16.05 19.38 -5.63
C LEU A 36 -17.01 18.57 -4.77
N ASN A 37 -17.98 17.94 -5.44
CA ASN A 37 -18.79 16.90 -4.86
CA ASN A 37 -18.78 16.91 -4.82
C ASN A 37 -17.99 15.61 -4.99
N ASN A 38 -17.31 15.21 -3.93
CA ASN A 38 -16.30 14.13 -4.00
C ASN A 38 -16.95 12.76 -3.90
N VAL A 39 -17.56 12.34 -5.01
N VAL A 39 -17.62 12.36 -4.98
CA VAL A 39 -18.23 11.05 -5.12
CA VAL A 39 -18.20 11.02 -5.08
C VAL A 39 -17.71 10.42 -6.40
C VAL A 39 -17.68 10.42 -6.38
N VAL A 40 -17.15 9.21 -6.29
CA VAL A 40 -16.55 8.57 -7.46
C VAL A 40 -17.62 8.20 -8.47
N SER A 41 -17.42 8.64 -9.72
CA SER A 41 -18.36 8.45 -10.80
C SER A 41 -18.72 6.99 -11.04
N GLY A 42 -17.72 6.10 -10.95
CA GLY A 42 -17.94 4.67 -11.17
C GLY A 42 -16.64 3.95 -11.48
N ASP A 43 -16.73 2.64 -11.71
CA ASP A 43 -15.54 1.89 -12.18
C ASP A 43 -15.43 2.04 -13.68
N PRO A 44 -14.29 2.56 -14.18
CA PRO A 44 -14.15 2.80 -15.62
C PRO A 44 -14.46 1.63 -16.55
N TRP A 45 -14.27 0.38 -16.09
CA TRP A 45 -14.44 -0.77 -16.99
C TRP A 45 -15.84 -1.36 -16.95
N SER A 46 -16.72 -0.73 -16.18
CA SER A 46 -18.11 -1.19 -16.16
C SER A 46 -18.80 -0.75 -17.44
N GLU A 47 -19.84 -1.47 -17.81
CA GLU A 47 -20.56 -1.13 -19.05
C GLU A 47 -21.12 0.28 -19.03
N GLU A 48 -21.63 0.68 -17.87
CA GLU A 48 -22.19 2.02 -17.71
C GLU A 48 -21.15 3.11 -17.94
N MET A 49 -19.94 2.91 -17.43
CA MET A 49 -18.90 3.94 -17.55
C MET A 49 -18.25 3.95 -18.94
N LYS A 50 -18.11 2.77 -19.54
CA LYS A 50 -17.57 2.67 -20.90
C LYS A 50 -18.34 3.54 -21.90
N LYS A 51 -19.66 3.56 -21.74
CA LYS A 51 -20.57 4.19 -22.71
C LYS A 51 -20.82 5.67 -22.48
N LYS A 52 -20.15 6.29 -21.50
CA LYS A 52 -20.43 7.68 -21.17
C LYS A 52 -20.09 8.62 -22.30
N GLY A 53 -20.83 9.73 -22.36
CA GLY A 53 -20.62 10.74 -23.37
C GLY A 53 -19.45 11.65 -23.06
N ARG A 54 -19.31 12.69 -23.88
CA ARG A 54 -18.17 13.62 -23.82
C ARG A 54 -18.04 14.28 -22.46
N ALA A 55 -16.83 14.27 -21.90
CA ALA A 55 -16.58 14.90 -20.61
C ALA A 55 -16.14 16.34 -20.82
N GLU A 56 -16.92 17.27 -20.25
CA GLU A 56 -16.78 18.70 -20.42
CA GLU A 56 -16.66 18.68 -20.47
C GLU A 56 -16.21 19.40 -19.19
N TYR A 57 -16.12 18.66 -18.09
CA TYR A 57 -15.88 19.28 -16.78
C TYR A 57 -14.48 19.85 -16.55
N ALA A 58 -13.53 19.49 -17.42
CA ALA A 58 -12.14 19.91 -17.21
C ALA A 58 -11.61 20.77 -18.33
N ARG A 59 -12.50 21.39 -19.12
CA ARG A 59 -12.04 22.15 -20.30
C ARG A 59 -11.05 23.24 -19.96
N MET A 60 -11.17 23.83 -18.76
CA MET A 60 -10.27 24.90 -18.35
C MET A 60 -8.81 24.46 -18.31
N LEU A 61 -8.57 23.16 -18.07
CA LEU A 61 -7.20 22.62 -17.97
C LEU A 61 -6.64 22.08 -19.29
N GLU A 62 -7.46 22.08 -20.34
CA GLU A 62 -7.12 21.35 -21.56
C GLU A 62 -6.44 22.18 -22.62
N ILE A 63 -5.44 21.58 -23.26
CA ILE A 63 -4.89 22.04 -24.54
C ILE A 63 -5.14 20.88 -25.49
N HIS A 64 -5.88 21.16 -26.57
CA HIS A 64 -6.31 20.11 -27.52
C HIS A 64 -6.83 18.84 -26.81
N GLU A 65 -7.75 19.04 -25.87
CA GLU A 65 -8.46 17.99 -25.15
C GLU A 65 -7.61 17.24 -24.13
N ARG A 66 -6.33 17.58 -24.01
CA ARG A 66 -5.49 16.94 -22.99
C ARG A 66 -5.33 17.84 -21.78
N MET A 67 -5.55 17.27 -20.60
CA MET A 67 -5.41 17.96 -19.32
CA MET A 67 -5.39 18.09 -19.38
C MET A 67 -3.97 18.02 -18.82
N GLY A 68 -3.07 17.29 -19.48
CA GLY A 68 -1.70 17.16 -19.03
C GLY A 68 -1.16 15.79 -19.36
N HIS A 69 -0.15 15.38 -18.60
CA HIS A 69 0.44 14.06 -18.80
C HIS A 69 1.08 13.58 -17.50
N VAL A 70 1.10 12.27 -17.32
CA VAL A 70 1.72 11.68 -16.15
CA VAL A 70 1.71 11.63 -16.15
C VAL A 70 3.00 10.95 -16.58
N GLU A 71 4.11 11.39 -15.99
CA GLU A 71 5.44 10.90 -16.31
C GLU A 71 5.91 10.01 -15.17
N ILE A 72 6.28 8.76 -15.51
CA ILE A 72 6.72 7.80 -14.50
C ILE A 72 8.08 7.25 -14.95
N PRO A 73 9.16 7.93 -14.57
CA PRO A 73 10.48 7.56 -15.13
C PRO A 73 10.87 6.10 -14.94
N VAL A 74 10.61 5.52 -13.78
CA VAL A 74 11.12 4.17 -13.51
C VAL A 74 10.52 3.11 -14.44
N ILE A 75 9.38 3.40 -15.08
CA ILE A 75 8.83 2.49 -16.08
C ILE A 75 8.70 3.12 -17.47
N ASP A 76 9.37 4.25 -17.70
CA ASP A 76 9.40 4.89 -19.01
C ASP A 76 8.00 5.12 -19.53
N VAL A 77 7.13 5.63 -18.66
CA VAL A 77 5.80 6.05 -19.07
C VAL A 77 5.70 7.57 -19.09
N ASP A 78 5.01 8.09 -20.10
CA ASP A 78 4.64 9.51 -20.11
C ASP A 78 3.37 9.55 -20.91
N LEU A 79 2.25 9.60 -20.21
CA LEU A 79 0.97 9.32 -20.84
C LEU A 79 0.05 10.53 -20.76
N PRO A 80 -0.55 10.97 -21.88
CA PRO A 80 -1.49 12.09 -21.78
CA PRO A 80 -1.50 12.07 -21.79
C PRO A 80 -2.72 11.71 -20.95
N VAL A 81 -3.29 12.70 -20.27
CA VAL A 81 -4.45 12.52 -19.44
C VAL A 81 -5.63 13.29 -20.06
N TYR A 82 -6.75 12.60 -20.21
CA TYR A 82 -8.00 13.17 -20.76
C TYR A 82 -9.08 13.19 -19.69
N ALA A 83 -10.08 14.05 -19.87
CA ALA A 83 -11.20 14.13 -18.96
C ALA A 83 -12.09 12.90 -19.08
N GLY A 84 -12.53 12.38 -17.93
CA GLY A 84 -13.40 11.23 -17.87
C GLY A 84 -12.68 9.93 -18.22
N THR A 85 -13.47 8.88 -18.26
CA THR A 85 -12.92 7.51 -18.36
C THR A 85 -13.70 6.66 -19.37
N ALA A 86 -14.31 7.31 -20.34
CA ALA A 86 -15.07 6.56 -21.36
C ALA A 86 -14.13 5.72 -22.22
N GLU A 87 -14.73 4.77 -22.95
CA GLU A 87 -13.94 3.81 -23.71
C GLU A 87 -12.97 4.50 -24.66
N GLU A 88 -13.40 5.56 -25.34
CA GLU A 88 -12.53 6.24 -26.30
C GLU A 88 -11.32 6.89 -25.63
N VAL A 89 -11.49 7.38 -24.39
CA VAL A 89 -10.38 7.97 -23.67
C VAL A 89 -9.36 6.89 -23.29
N LEU A 90 -9.83 5.75 -22.80
CA LEU A 90 -8.91 4.69 -22.39
C LEU A 90 -8.22 4.03 -23.58
N GLN A 91 -8.78 4.21 -24.77
CA GLN A 91 -8.09 3.80 -25.97
C GLN A 91 -6.91 4.69 -26.33
N GLN A 92 -6.99 5.98 -25.94
CA GLN A 92 -6.04 7.02 -26.34
C GLN A 92 -4.95 7.28 -25.30
N GLY A 93 -5.25 7.05 -24.03
CA GLY A 93 -4.31 7.43 -22.97
C GLY A 93 -4.90 7.14 -21.63
N ALA A 94 -4.61 8.02 -20.68
CA ALA A 94 -5.13 7.87 -19.34
C ALA A 94 -6.36 8.75 -19.21
N GLY A 95 -7.26 8.34 -18.33
CA GLY A 95 -8.46 9.12 -18.04
C GLY A 95 -8.55 9.54 -16.59
N HIS A 96 -8.94 10.79 -16.40
CA HIS A 96 -9.18 11.32 -15.08
C HIS A 96 -10.51 10.83 -14.55
N LEU A 97 -10.53 10.32 -13.33
CA LEU A 97 -11.75 9.76 -12.75
C LEU A 97 -12.65 10.88 -12.25
N GLU A 98 -13.76 11.08 -12.95
CA GLU A 98 -14.69 12.16 -12.57
C GLU A 98 -15.21 11.90 -11.16
N GLY A 99 -15.28 12.98 -10.39
CA GLY A 99 -15.63 12.90 -8.97
C GLY A 99 -14.43 13.07 -8.08
N THR A 100 -13.23 12.90 -8.65
CA THR A 100 -11.98 13.13 -7.90
C THR A 100 -11.43 14.50 -8.24
N SER A 101 -10.47 14.97 -7.45
CA SER A 101 -9.91 16.31 -7.67
C SER A 101 -9.29 16.44 -9.06
N LEU A 102 -9.37 17.62 -9.66
CA LEU A 102 -8.58 17.88 -10.87
C LEU A 102 -7.11 17.85 -10.48
N PRO A 103 -6.24 17.44 -11.42
CA PRO A 103 -4.80 17.28 -11.13
C PRO A 103 -4.03 18.59 -11.11
N ILE A 104 -4.36 19.40 -10.10
CA ILE A 104 -3.66 20.66 -9.85
C ILE A 104 -3.06 20.70 -8.44
N GLY A 105 -3.22 19.61 -7.70
CA GLY A 105 -2.66 19.54 -6.35
C GLY A 105 -3.30 20.50 -5.37
N GLY A 106 -2.71 20.55 -4.19
CA GLY A 106 -3.18 21.43 -3.12
C GLY A 106 -3.54 20.69 -1.86
N ASN A 107 -3.58 21.40 -0.75
CA ASN A 107 -4.03 20.77 0.51
C ASN A 107 -5.40 20.15 0.32
N SER A 108 -5.59 18.96 0.86
CA SER A 108 -6.90 18.26 0.85
C SER A 108 -7.40 18.05 -0.59
N THR A 109 -6.53 17.44 -1.42
CA THR A 109 -6.91 17.08 -2.79
C THR A 109 -6.51 15.64 -3.06
N HIS A 110 -7.28 14.96 -3.90
CA HIS A 110 -6.93 13.60 -4.31
C HIS A 110 -7.47 13.37 -5.71
N ALA A 111 -6.56 13.37 -6.68
CA ALA A 111 -6.88 13.14 -8.11
C ALA A 111 -6.59 11.70 -8.42
N VAL A 112 -7.44 11.08 -9.22
CA VAL A 112 -7.24 9.68 -9.62
C VAL A 112 -7.14 9.62 -11.14
N ILE A 113 -6.08 8.96 -11.60
CA ILE A 113 -5.78 8.86 -13.04
C ILE A 113 -5.73 7.38 -13.38
N THR A 114 -6.49 6.98 -14.40
CA THR A 114 -6.60 5.56 -14.69
CA THR A 114 -6.72 5.56 -14.74
C THR A 114 -6.18 5.22 -16.12
N ALA A 115 -5.66 4.02 -16.33
CA ALA A 115 -5.35 3.58 -17.68
C ALA A 115 -5.38 2.07 -17.74
N ASP A 116 -5.41 1.55 -18.96
CA ASP A 116 -5.51 0.12 -19.22
C ASP A 116 -4.22 -0.62 -18.90
N THR A 117 -4.31 -1.94 -18.96
CA THR A 117 -3.18 -2.81 -18.75
C THR A 117 -3.32 -4.07 -19.58
N GLY A 118 -2.19 -4.62 -20.02
CA GLY A 118 -2.17 -5.91 -20.69
C GLY A 118 -2.54 -5.87 -22.15
N LEU A 119 -2.70 -4.70 -22.75
CA LEU A 119 -3.14 -4.65 -24.14
C LEU A 119 -2.01 -4.90 -25.13
N PRO A 120 -2.31 -5.56 -26.28
CA PRO A 120 -1.27 -5.73 -27.29
CA PRO A 120 -1.24 -5.72 -27.26
C PRO A 120 -0.87 -4.44 -28.00
N THR A 121 -1.75 -3.44 -27.99
CA THR A 121 -1.51 -2.35 -28.93
C THR A 121 -0.99 -1.06 -28.37
N ALA A 122 -0.99 -0.93 -27.05
CA ALA A 122 -0.37 0.22 -26.38
C ALA A 122 -0.11 -0.20 -24.97
N LYS A 123 1.06 0.17 -24.46
CA LYS A 123 1.44 -0.36 -23.15
C LYS A 123 0.66 0.22 -21.98
N MET A 124 0.20 1.47 -22.11
CA MET A 124 -0.60 2.13 -21.07
C MET A 124 0.04 1.87 -19.70
N PHE A 125 -0.71 1.32 -18.74
CA PHE A 125 -0.19 1.04 -17.39
C PHE A 125 0.22 -0.42 -17.16
N THR A 126 0.57 -1.13 -18.23
CA THR A 126 1.03 -2.53 -18.06
C THR A 126 2.16 -2.71 -17.00
N ASP A 127 3.09 -1.78 -16.96
CA ASP A 127 4.21 -1.89 -16.03
C ASP A 127 3.94 -1.19 -14.68
N LEU A 128 2.71 -0.72 -14.44
CA LEU A 128 2.42 -0.06 -13.15
C LEU A 128 2.70 -1.00 -11.99
N THR A 129 2.48 -2.29 -12.21
CA THR A 129 2.83 -3.36 -11.27
C THR A 129 4.26 -3.28 -10.71
N LYS A 130 5.17 -2.69 -11.48
CA LYS A 130 6.58 -2.60 -11.05
C LYS A 130 6.82 -1.52 -10.00
N LEU A 131 5.90 -0.56 -9.89
CA LEU A 131 6.10 0.55 -8.95
C LEU A 131 6.08 0.09 -7.52
N LYS A 132 6.96 0.70 -6.74
CA LYS A 132 7.07 0.41 -5.32
C LYS A 132 6.91 1.70 -4.53
N VAL A 133 6.54 1.55 -3.25
CA VAL A 133 6.59 2.70 -2.37
C VAL A 133 8.01 3.31 -2.42
N GLY A 134 8.06 4.65 -2.45
CA GLY A 134 9.31 5.37 -2.64
C GLY A 134 9.56 5.84 -4.06
N ASP A 135 8.93 5.18 -5.04
CA ASP A 135 9.07 5.62 -6.44
C ASP A 135 8.41 6.99 -6.68
N LYS A 136 8.88 7.68 -7.73
CA LYS A 136 8.39 9.01 -8.08
C LYS A 136 7.53 9.00 -9.34
N PHE A 137 6.57 9.90 -9.40
CA PHE A 137 5.97 10.23 -10.68
C PHE A 137 5.67 11.72 -10.72
N TYR A 138 5.42 12.24 -11.92
CA TYR A 138 5.35 13.69 -12.15
C TYR A 138 4.10 13.98 -12.96
N VAL A 139 3.27 14.85 -12.42
CA VAL A 139 2.02 15.22 -13.05
C VAL A 139 2.20 16.59 -13.67
N HIS A 140 2.11 16.63 -15.00
CA HIS A 140 2.27 17.87 -15.76
C HIS A 140 0.91 18.45 -16.05
N ASN A 141 0.71 19.73 -15.74
CA ASN A 141 -0.51 20.42 -16.13
C ASN A 141 -0.12 21.75 -16.78
N ILE A 142 -1.09 22.59 -17.14
CA ILE A 142 -0.77 23.84 -17.86
C ILE A 142 0.08 24.84 -17.07
N LYS A 143 0.09 24.70 -15.75
CA LYS A 143 0.80 25.62 -14.86
CA LYS A 143 0.83 25.65 -14.92
C LYS A 143 2.22 25.16 -14.53
N GLU A 144 2.37 23.87 -14.24
CA GLU A 144 3.62 23.40 -13.64
C GLU A 144 3.72 21.90 -13.73
N VAL A 145 4.81 21.39 -13.16
CA VAL A 145 5.02 19.95 -13.00
C VAL A 145 5.05 19.63 -11.51
N MET A 146 4.21 18.68 -11.09
CA MET A 146 4.06 18.34 -9.67
C MET A 146 4.64 16.97 -9.40
N ALA A 147 5.51 16.88 -8.41
CA ALA A 147 6.13 15.61 -8.04
C ALA A 147 5.33 14.91 -6.96
N TYR A 148 5.15 13.60 -7.14
CA TYR A 148 4.52 12.73 -6.16
C TYR A 148 5.41 11.55 -5.84
N GLN A 149 5.40 11.10 -4.59
CA GLN A 149 6.20 9.94 -4.19
CA GLN A 149 6.20 9.95 -4.16
C GLN A 149 5.26 8.89 -3.63
N VAL A 150 5.34 7.68 -4.20
CA VAL A 150 4.43 6.59 -3.82
C VAL A 150 4.57 6.26 -2.34
N ASP A 151 3.42 6.26 -1.64
CA ASP A 151 3.37 5.88 -0.22
C ASP A 151 2.46 4.69 0.06
N GLN A 152 1.67 4.22 -0.92
CA GLN A 152 0.76 3.10 -0.68
C GLN A 152 0.45 2.43 -1.99
N VAL A 153 0.57 1.11 -1.99
CA VAL A 153 0.15 0.30 -3.14
C VAL A 153 -0.84 -0.71 -2.57
N LYS A 154 -2.01 -0.83 -3.19
CA LYS A 154 -3.01 -1.76 -2.67
C LYS A 154 -3.91 -2.31 -3.77
N VAL A 155 -4.54 -3.44 -3.46
CA VAL A 155 -5.50 -4.08 -4.37
C VAL A 155 -6.89 -3.98 -3.78
N ILE A 156 -7.86 -3.59 -4.60
CA ILE A 156 -9.25 -3.48 -4.16
C ILE A 156 -10.19 -4.18 -5.14
N GLU A 157 -11.43 -4.43 -4.69
CA GLU A 157 -12.52 -4.80 -5.62
C GLU A 157 -13.01 -3.55 -6.33
N PRO A 158 -13.50 -3.71 -7.58
CA PRO A 158 -13.78 -2.54 -8.45
C PRO A 158 -14.75 -1.47 -7.95
N THR A 159 -15.71 -1.88 -7.12
CA THR A 159 -16.74 -0.96 -6.64
C THR A 159 -16.43 -0.37 -5.26
N ASN A 160 -15.25 -0.67 -4.71
CA ASN A 160 -14.82 -0.10 -3.43
CA ASN A 160 -14.86 -0.06 -3.43
C ASN A 160 -14.08 1.20 -3.70
N PHE A 161 -14.72 2.31 -3.42
CA PHE A 161 -14.07 3.58 -3.76
C PHE A 161 -13.46 4.30 -2.59
N ASP A 162 -13.51 3.71 -1.41
CA ASP A 162 -13.09 4.38 -0.17
CA ASP A 162 -13.15 4.53 -0.26
C ASP A 162 -11.68 4.97 -0.27
N ASP A 163 -10.81 4.24 -0.94
CA ASP A 163 -9.41 4.65 -1.03
C ASP A 163 -9.15 5.70 -2.09
N LEU A 164 -10.20 6.12 -2.80
CA LEU A 164 -10.06 7.07 -3.90
C LEU A 164 -10.56 8.47 -3.54
N LEU A 165 -11.08 8.64 -2.33
CA LEU A 165 -11.66 9.92 -1.90
C LEU A 165 -10.59 10.81 -1.28
N ILE A 166 -10.93 12.09 -1.15
CA ILE A 166 -10.03 13.03 -0.50
C ILE A 166 -9.67 12.59 0.91
N VAL A 167 -8.38 12.66 1.19
CA VAL A 167 -7.86 12.49 2.55
C VAL A 167 -7.57 13.91 3.10
N PRO A 168 -8.37 14.36 4.06
CA PRO A 168 -8.16 15.73 4.54
C PRO A 168 -6.71 15.97 5.00
N GLY A 169 -6.18 17.12 4.63
CA GLY A 169 -4.86 17.52 5.07
C GLY A 169 -3.72 16.96 4.24
N HIS A 170 -4.05 16.31 3.10
CA HIS A 170 -3.04 15.67 2.24
C HIS A 170 -3.30 15.94 0.78
N ASP A 171 -2.30 15.67 -0.05
CA ASP A 171 -2.36 15.95 -1.49
C ASP A 171 -1.85 14.68 -2.17
N TYR A 172 -2.82 13.94 -2.69
CA TYR A 172 -2.52 12.61 -3.25
C TYR A 172 -2.91 12.53 -4.71
N VAL A 173 -2.18 11.70 -5.45
CA VAL A 173 -2.64 11.26 -6.77
C VAL A 173 -2.54 9.74 -6.75
N THR A 174 -3.64 9.06 -7.13
CA THR A 174 -3.60 7.61 -7.29
C THR A 174 -3.65 7.25 -8.76
N LEU A 175 -2.72 6.37 -9.15
CA LEU A 175 -2.70 5.77 -10.48
C LEU A 175 -3.41 4.42 -10.37
N LEU A 176 -4.40 4.21 -11.22
CA LEU A 176 -5.30 3.08 -11.08
CA LEU A 176 -5.36 3.12 -11.11
C LEU A 176 -5.36 2.25 -12.37
N THR A 177 -5.22 0.92 -12.22
CA THR A 177 -5.40 0.00 -13.34
C THR A 177 -6.00 -1.30 -12.83
N CYS A 178 -6.10 -2.29 -13.70
CA CYS A 178 -6.67 -3.60 -13.33
C CYS A 178 -5.60 -4.61 -12.94
N THR A 179 -6.00 -5.61 -12.16
CA THR A 179 -5.10 -6.63 -11.63
C THR A 179 -5.98 -7.83 -11.20
N PRO A 180 -5.40 -9.02 -11.00
CA PRO A 180 -4.05 -9.45 -11.35
C PRO A 180 -3.89 -9.56 -12.86
N TYR A 181 -2.64 -9.75 -13.27
CA TYR A 181 -2.25 -9.83 -14.67
C TYR A 181 -3.08 -10.84 -15.46
N MET A 182 -3.69 -10.35 -16.55
CA MET A 182 -4.52 -11.14 -17.47
C MET A 182 -5.78 -11.72 -16.85
N ILE A 183 -6.11 -11.22 -15.65
CA ILE A 183 -7.28 -11.67 -14.88
CA ILE A 183 -7.31 -11.66 -14.94
C ILE A 183 -8.24 -10.48 -14.70
N ASN A 184 -7.72 -9.38 -14.12
CA ASN A 184 -8.41 -8.08 -14.17
C ASN A 184 -9.70 -7.97 -13.39
N THR A 185 -9.85 -8.84 -12.39
CA THR A 185 -11.05 -8.85 -11.55
C THR A 185 -11.02 -7.74 -10.50
N HIS A 186 -9.81 -7.24 -10.21
CA HIS A 186 -9.59 -6.27 -9.15
C HIS A 186 -8.88 -5.03 -9.70
N ARG A 187 -8.58 -4.08 -8.83
CA ARG A 187 -7.91 -2.87 -9.24
C ARG A 187 -6.67 -2.66 -8.40
N LEU A 188 -5.60 -2.26 -9.09
CA LEU A 188 -4.35 -1.89 -8.45
C LEU A 188 -4.32 -0.37 -8.29
N LEU A 189 -4.06 0.07 -7.03
CA LEU A 189 -4.00 1.50 -6.69
CA LEU A 189 -4.00 1.49 -6.70
C LEU A 189 -2.58 1.84 -6.28
N VAL A 190 -1.93 2.75 -7.02
CA VAL A 190 -0.59 3.22 -6.66
C VAL A 190 -0.75 4.67 -6.27
N ARG A 191 -0.67 4.95 -4.95
CA ARG A 191 -0.94 6.29 -4.44
C ARG A 191 0.36 6.99 -4.11
N GLY A 192 0.52 8.21 -4.61
CA GLY A 192 1.67 9.06 -4.24
C GLY A 192 1.22 10.31 -3.53
N HIS A 193 2.05 10.80 -2.61
CA HIS A 193 1.82 12.10 -1.98
C HIS A 193 2.72 13.17 -2.59
N ARG A 194 2.20 14.39 -2.67
CA ARG A 194 2.93 15.52 -3.20
C ARG A 194 4.19 15.74 -2.41
N ILE A 195 5.28 16.04 -3.12
CA ILE A 195 6.52 16.47 -2.47
C ILE A 195 7.07 17.70 -3.19
N PRO A 196 7.88 18.52 -2.50
CA PRO A 196 8.47 19.68 -3.22
C PRO A 196 9.27 19.26 -4.43
N TYR A 197 9.23 20.09 -5.45
CA TYR A 197 9.97 19.81 -6.67
C TYR A 197 10.14 21.08 -7.48
N VAL A 198 11.36 21.31 -7.94
CA VAL A 198 11.57 22.41 -8.88
C VAL A 198 12.14 21.80 -10.15
N ALA A 199 11.36 21.82 -11.22
CA ALA A 199 11.80 21.30 -12.51
C ALA A 199 12.95 22.14 -13.05
N GLU A 200 14.00 21.47 -13.54
CA GLU A 200 15.16 22.17 -14.11
C GLU A 200 14.88 22.51 -15.57
N ASN B 4 18.73 -22.27 9.95
CA ASN B 4 17.34 -22.72 10.20
C ASN B 4 17.15 -23.40 11.56
N GLN B 5 18.16 -23.31 12.44
CA GLN B 5 18.18 -24.14 13.66
C GLN B 5 17.05 -23.86 14.66
N GLN B 6 16.77 -22.58 14.87
CA GLN B 6 15.72 -22.15 15.79
C GLN B 6 14.34 -22.54 15.28
N ILE B 7 14.16 -22.44 13.97
CA ILE B 7 12.90 -22.82 13.33
C ILE B 7 12.74 -24.33 13.29
N ALA B 8 13.84 -25.02 13.00
CA ALA B 8 13.85 -26.48 13.06
C ALA B 8 13.49 -26.96 14.46
N ASP B 9 14.05 -26.30 15.49
CA ASP B 9 13.71 -26.62 16.89
C ASP B 9 12.21 -26.47 17.13
N PHE B 10 11.65 -25.33 16.71
CA PHE B 10 10.23 -25.06 16.91
C PHE B 10 9.37 -26.12 16.21
N ASP B 11 9.65 -26.41 14.95
CA ASP B 11 8.83 -27.39 14.23
C ASP B 11 8.95 -28.80 14.81
N LYS B 12 10.16 -29.19 15.20
CA LYS B 12 10.37 -30.50 15.80
C LYS B 12 9.60 -30.63 17.10
N GLU B 13 9.72 -29.60 17.95
CA GLU B 13 9.03 -29.63 19.24
C GLU B 13 7.52 -29.51 19.11
N LYS B 14 7.06 -28.68 18.18
CA LYS B 14 5.63 -28.60 17.88
C LYS B 14 5.03 -29.95 17.54
N ALA B 15 5.76 -30.74 16.73
CA ALA B 15 5.31 -32.06 16.30
C ALA B 15 5.15 -33.07 17.45
N THR B 16 5.81 -32.79 18.58
CA THR B 16 5.77 -33.69 19.74
C THR B 16 4.79 -33.21 20.82
N LEU B 17 4.20 -32.04 20.65
CA LEU B 17 3.24 -31.54 21.63
C LEU B 17 2.00 -32.43 21.64
N ASP B 18 1.53 -32.78 22.82
N ASP B 18 1.52 -32.79 22.82
CA ASP B 18 0.28 -33.53 22.95
CA ASP B 18 0.27 -33.53 22.91
C ASP B 18 -0.89 -32.65 22.48
C ASP B 18 -0.88 -32.64 22.45
N GLU B 19 -1.82 -33.21 21.72
CA GLU B 19 -2.97 -32.44 21.24
C GLU B 19 -3.73 -31.76 22.38
N ALA B 20 -3.88 -32.42 23.53
CA ALA B 20 -4.62 -31.81 24.66
C ALA B 20 -3.88 -30.61 25.23
N ASP B 21 -2.54 -30.64 25.16
CA ASP B 21 -1.69 -29.52 25.57
C ASP B 21 -1.92 -28.33 24.61
N ILE B 22 -1.90 -28.60 23.31
CA ILE B 22 -2.22 -27.58 22.30
C ILE B 22 -3.62 -27.01 22.59
N ASP B 23 -4.60 -27.86 22.87
CA ASP B 23 -5.97 -27.37 23.13
C ASP B 23 -5.99 -26.38 24.29
N GLU B 24 -5.30 -26.71 25.38
CA GLU B 24 -5.18 -25.83 26.56
CA GLU B 24 -5.20 -25.82 26.53
C GLU B 24 -4.52 -24.49 26.18
N ARG B 25 -3.41 -24.58 25.47
CA ARG B 25 -2.67 -23.36 25.10
C ARG B 25 -3.49 -22.46 24.18
N MET B 26 -4.16 -23.05 23.20
CA MET B 26 -4.99 -22.28 22.30
C MET B 26 -6.19 -21.64 23.01
N LYS B 27 -6.76 -22.32 24.02
CA LYS B 27 -7.79 -21.70 24.88
CA LYS B 27 -7.79 -21.71 24.87
C LYS B 27 -7.26 -20.39 25.46
N LEU B 28 -6.06 -20.45 26.01
CA LEU B 28 -5.47 -19.27 26.63
C LEU B 28 -5.19 -18.18 25.60
N ALA B 29 -4.67 -18.56 24.44
CA ALA B 29 -4.36 -17.59 23.39
C ALA B 29 -5.64 -16.93 22.88
N GLN B 30 -6.70 -17.72 22.70
CA GLN B 30 -7.94 -17.18 22.18
C GLN B 30 -8.55 -16.20 23.18
N ALA B 31 -8.50 -16.56 24.48
CA ALA B 31 -9.04 -15.68 25.52
C ALA B 31 -8.27 -14.35 25.53
N PHE B 32 -6.95 -14.44 25.38
CA PHE B 32 -6.11 -13.23 25.32
C PHE B 32 -6.53 -12.33 24.15
N ASN B 33 -6.69 -12.91 22.96
CA ASN B 33 -7.14 -12.10 21.82
C ASN B 33 -8.56 -11.55 21.99
N ASP B 34 -9.47 -12.36 22.53
CA ASP B 34 -10.85 -11.90 22.69
C ASP B 34 -10.94 -10.73 23.65
N SER B 35 -10.04 -10.66 24.62
CA SER B 35 -10.04 -9.57 25.61
C SER B 35 -8.96 -8.52 25.38
N LEU B 36 -8.33 -8.56 24.21
CA LEU B 36 -7.17 -7.71 23.92
C LEU B 36 -7.44 -6.22 24.12
N ASN B 37 -6.55 -5.57 24.87
CA ASN B 37 -6.49 -4.13 24.88
C ASN B 37 -5.65 -3.70 23.66
N ASN B 38 -6.34 -3.30 22.60
CA ASN B 38 -5.70 -3.12 21.29
C ASN B 38 -5.09 -1.73 21.15
N VAL B 39 -3.98 -1.55 21.87
CA VAL B 39 -3.25 -0.29 21.91
CA VAL B 39 -3.25 -0.30 21.84
C VAL B 39 -1.79 -0.63 21.62
N VAL B 40 -1.21 -0.03 20.60
CA VAL B 40 0.14 -0.36 20.24
C VAL B 40 1.08 0.13 21.28
N SER B 41 1.91 -0.80 21.75
CA SER B 41 2.86 -0.55 22.82
C SER B 41 3.79 0.64 22.54
N GLY B 42 4.29 0.74 21.31
CA GLY B 42 5.12 1.88 20.94
C GLY B 42 5.90 1.57 19.66
N ASP B 43 6.68 2.54 19.15
CA ASP B 43 7.56 2.21 18.04
C ASP B 43 8.73 1.36 18.53
N PRO B 44 8.92 0.15 17.97
CA PRO B 44 9.97 -0.74 18.48
C PRO B 44 11.37 -0.14 18.57
N TRP B 45 11.67 0.81 17.70
CA TRP B 45 13.04 1.35 17.65
C TRP B 45 13.27 2.58 18.53
N SER B 46 12.23 2.98 19.26
CA SER B 46 12.38 4.04 20.25
C SER B 46 13.21 3.53 21.42
N GLU B 47 13.91 4.43 22.12
CA GLU B 47 14.73 4.02 23.24
C GLU B 47 13.91 3.30 24.30
N GLU B 48 12.71 3.80 24.55
CA GLU B 48 11.80 3.19 25.52
C GLU B 48 11.47 1.74 25.17
N MET B 49 11.20 1.47 23.89
CA MET B 49 10.84 0.13 23.48
C MET B 49 12.05 -0.80 23.38
N LYS B 50 13.19 -0.28 22.91
CA LYS B 50 14.44 -1.04 22.83
C LYS B 50 14.80 -1.70 24.17
N LYS B 51 14.55 -0.96 25.25
CA LYS B 51 15.01 -1.35 26.58
C LYS B 51 13.97 -2.09 27.43
N LYS B 52 12.84 -2.45 26.81
CA LYS B 52 11.78 -3.15 27.54
C LYS B 52 12.27 -4.49 28.04
N GLY B 53 11.68 -4.95 29.14
CA GLY B 53 12.12 -6.19 29.77
C GLY B 53 11.56 -7.37 29.02
N ARG B 54 11.90 -8.57 29.46
CA ARG B 54 11.36 -9.79 28.86
C ARG B 54 9.84 -9.72 28.81
N ALA B 55 9.27 -10.25 27.73
CA ALA B 55 7.83 -10.20 27.56
C ALA B 55 7.23 -11.54 27.95
N GLU B 56 6.19 -11.50 28.79
CA GLU B 56 5.58 -12.69 29.38
C GLU B 56 4.19 -13.02 28.86
N TYR B 57 3.63 -12.13 28.03
CA TYR B 57 2.23 -12.18 27.69
C TYR B 57 1.83 -13.30 26.72
N ALA B 58 2.81 -13.91 26.06
CA ALA B 58 2.52 -14.92 25.05
C ALA B 58 3.07 -16.30 25.39
N ARG B 59 3.29 -16.56 26.69
CA ARG B 59 3.91 -17.84 27.09
C ARG B 59 3.11 -19.05 26.63
N MET B 60 1.78 -18.93 26.58
CA MET B 60 0.95 -20.05 26.15
C MET B 60 1.28 -20.52 24.74
N LEU B 61 1.77 -19.61 23.89
CA LEU B 61 2.08 -19.94 22.50
C LEU B 61 3.52 -20.40 22.30
N GLU B 62 4.33 -20.36 23.34
CA GLU B 62 5.77 -20.49 23.18
C GLU B 62 6.30 -21.87 23.43
N ILE B 63 7.24 -22.26 22.56
CA ILE B 63 8.14 -23.38 22.82
CA ILE B 63 8.13 -23.38 22.83
C ILE B 63 9.55 -22.82 22.82
N HIS B 64 10.25 -22.96 23.93
CA HIS B 64 11.60 -22.40 24.08
C HIS B 64 11.65 -20.95 23.62
N GLU B 65 10.67 -20.19 24.11
CA GLU B 65 10.58 -18.75 23.92
C GLU B 65 10.11 -18.31 22.54
N ARG B 66 9.94 -19.25 21.61
CA ARG B 66 9.48 -18.89 20.26
C ARG B 66 7.99 -19.16 20.14
N MET B 67 7.26 -18.15 19.68
CA MET B 67 5.82 -18.22 19.39
CA MET B 67 5.82 -18.37 19.45
C MET B 67 5.51 -18.86 18.04
N GLY B 68 6.55 -19.06 17.24
CA GLY B 68 6.38 -19.62 15.89
C GLY B 68 7.38 -18.99 14.95
N HIS B 69 7.03 -18.96 13.68
CA HIS B 69 7.88 -18.36 12.68
C HIS B 69 7.09 -17.79 11.54
N VAL B 70 7.66 -16.80 10.89
CA VAL B 70 7.05 -16.19 9.73
C VAL B 70 7.87 -16.55 8.51
N GLU B 71 7.21 -17.21 7.54
CA GLU B 71 7.84 -17.74 6.35
C GLU B 71 7.36 -16.97 5.14
N ILE B 72 8.31 -16.42 4.36
CA ILE B 72 7.98 -15.61 3.18
C ILE B 72 8.78 -16.21 2.03
N PRO B 73 8.26 -17.27 1.41
CA PRO B 73 9.06 -18.03 0.45
C PRO B 73 9.61 -17.20 -0.71
N VAL B 74 8.87 -16.20 -1.18
CA VAL B 74 9.31 -15.49 -2.38
C VAL B 74 10.62 -14.72 -2.17
N ILE B 75 10.93 -14.37 -0.92
CA ILE B 75 12.19 -13.68 -0.58
C ILE B 75 13.07 -14.57 0.34
N ASP B 76 12.78 -15.85 0.40
CA ASP B 76 13.61 -16.81 1.16
C ASP B 76 13.78 -16.40 2.62
N VAL B 77 12.70 -15.95 3.24
CA VAL B 77 12.72 -15.58 4.65
C VAL B 77 11.98 -16.64 5.46
N ASP B 78 12.54 -17.00 6.61
CA ASP B 78 11.83 -17.80 7.59
C ASP B 78 12.45 -17.42 8.93
N LEU B 79 11.72 -16.61 9.68
CA LEU B 79 12.26 -16.06 10.93
C LEU B 79 11.48 -16.49 12.13
N PRO B 80 12.18 -16.87 13.20
CA PRO B 80 11.47 -17.17 14.44
C PRO B 80 10.85 -15.89 15.00
N VAL B 81 9.69 -16.03 15.64
CA VAL B 81 8.97 -14.93 16.25
C VAL B 81 8.96 -15.06 17.76
N TYR B 82 9.38 -13.99 18.43
CA TYR B 82 9.45 -13.90 19.89
C TYR B 82 8.46 -12.88 20.39
N ALA B 83 8.07 -12.97 21.66
CA ALA B 83 7.16 -12.00 22.23
C ALA B 83 7.83 -10.66 22.44
N GLY B 84 7.10 -9.58 22.17
CA GLY B 84 7.61 -8.23 22.33
C GLY B 84 8.63 -7.87 21.27
N THR B 85 9.20 -6.67 21.41
CA THR B 85 10.07 -6.10 20.40
C THR B 85 11.33 -5.47 21.01
N ALA B 86 11.78 -6.02 22.14
CA ALA B 86 13.00 -5.53 22.80
C ALA B 86 14.20 -5.68 21.86
N GLU B 87 15.26 -4.88 22.08
CA GLU B 87 16.38 -4.92 21.17
CA GLU B 87 16.43 -4.90 21.21
C GLU B 87 16.99 -6.32 21.06
N GLU B 88 16.98 -7.09 22.15
CA GLU B 88 17.53 -8.45 22.11
C GLU B 88 16.70 -9.38 21.24
N VAL B 89 15.38 -9.18 21.21
CA VAL B 89 14.52 -9.98 20.36
C VAL B 89 14.83 -9.68 18.88
N LEU B 90 14.97 -8.39 18.55
CA LEU B 90 15.24 -8.03 17.15
C LEU B 90 16.62 -8.45 16.69
N GLN B 91 17.52 -8.74 17.63
CA GLN B 91 18.77 -9.39 17.26
C GLN B 91 18.59 -10.86 16.88
N GLN B 92 17.57 -11.49 17.45
CA GLN B 92 17.30 -12.94 17.33
CA GLN B 92 17.40 -12.93 17.23
C GLN B 92 16.53 -13.30 16.06
N GLY B 93 15.61 -12.41 15.68
CA GLY B 93 14.66 -12.72 14.62
C GLY B 93 13.58 -11.66 14.63
N ALA B 94 12.33 -12.11 14.60
CA ALA B 94 11.20 -11.19 14.55
C ALA B 94 10.57 -11.05 15.93
N GLY B 95 9.97 -9.91 16.19
CA GLY B 95 9.23 -9.69 17.44
C GLY B 95 7.77 -9.37 17.18
N HIS B 96 6.92 -9.95 18.01
CA HIS B 96 5.49 -9.66 17.97
C HIS B 96 5.23 -8.31 18.66
N LEU B 97 4.48 -7.43 18.00
CA LEU B 97 4.22 -6.10 18.54
C LEU B 97 3.16 -6.18 19.65
N GLU B 98 3.58 -5.95 20.89
CA GLU B 98 2.63 -6.06 22.00
C GLU B 98 1.53 -5.02 21.85
N GLY B 99 0.31 -5.44 22.13
CA GLY B 99 -0.85 -4.61 21.91
C GLY B 99 -1.61 -5.03 20.67
N THR B 100 -0.99 -5.86 19.83
CA THR B 100 -1.67 -6.39 18.65
C THR B 100 -2.07 -7.84 18.90
N SER B 101 -2.91 -8.39 18.04
CA SER B 101 -3.42 -9.74 18.27
C SER B 101 -2.30 -10.77 18.25
N LEU B 102 -2.39 -11.80 19.09
CA LEU B 102 -1.51 -12.96 18.96
C LEU B 102 -1.73 -13.61 17.60
N PRO B 103 -0.68 -14.20 17.04
CA PRO B 103 -0.74 -14.74 15.67
C PRO B 103 -1.42 -16.12 15.62
N ILE B 104 -2.72 -16.09 15.87
CA ILE B 104 -3.58 -17.28 15.78
C ILE B 104 -4.77 -17.07 14.82
N GLY B 105 -4.83 -15.91 14.14
CA GLY B 105 -5.91 -15.66 13.19
C GLY B 105 -7.28 -15.57 13.82
N GLY B 106 -8.27 -15.42 12.94
CA GLY B 106 -9.66 -15.25 13.34
C GLY B 106 -10.25 -13.98 12.74
N ASN B 107 -11.56 -13.91 12.62
CA ASN B 107 -12.19 -12.65 12.22
C ASN B 107 -11.85 -11.55 13.24
N SER B 108 -11.76 -10.31 12.77
CA SER B 108 -11.44 -9.15 13.62
C SER B 108 -10.16 -9.38 14.42
N THR B 109 -9.11 -9.77 13.71
CA THR B 109 -7.80 -9.94 14.35
CA THR B 109 -7.81 -10.03 14.32
C THR B 109 -6.75 -9.28 13.49
N HIS B 110 -5.73 -8.72 14.14
CA HIS B 110 -4.63 -8.09 13.41
C HIS B 110 -3.37 -8.21 14.23
N ALA B 111 -2.52 -9.14 13.80
CA ALA B 111 -1.23 -9.38 14.45
C ALA B 111 -0.15 -8.62 13.68
N VAL B 112 0.80 -8.02 14.40
CA VAL B 112 1.90 -7.30 13.73
C VAL B 112 3.21 -7.95 14.14
N ILE B 113 4.03 -8.26 13.12
CA ILE B 113 5.30 -8.97 13.32
C ILE B 113 6.39 -8.05 12.77
N THR B 114 7.38 -7.78 13.61
CA THR B 114 8.39 -6.76 13.39
CA THR B 114 8.39 -6.76 13.30
C THR B 114 9.78 -7.37 13.19
N ALA B 115 10.59 -6.84 12.26
CA ALA B 115 12.00 -7.23 12.21
C ALA B 115 12.78 -6.16 11.49
N ASP B 116 14.09 -6.24 11.64
CA ASP B 116 15.01 -5.20 11.15
C ASP B 116 15.25 -5.23 9.65
N THR B 117 15.72 -4.08 9.15
CA THR B 117 16.22 -3.96 7.78
C THR B 117 17.63 -3.36 7.84
N GLY B 118 18.52 -3.92 7.04
CA GLY B 118 19.87 -3.33 6.89
C GLY B 118 20.86 -3.66 7.99
N LEU B 119 20.63 -4.72 8.76
CA LEU B 119 21.66 -5.20 9.70
C LEU B 119 22.82 -5.77 8.90
N PRO B 120 24.07 -5.56 9.36
CA PRO B 120 25.18 -6.12 8.59
CA PRO B 120 25.25 -6.11 8.68
C PRO B 120 25.38 -7.62 8.71
N THR B 121 24.69 -8.30 9.63
CA THR B 121 24.92 -9.75 9.84
C THR B 121 23.76 -10.72 9.72
N ALA B 122 22.55 -10.24 9.66
CA ALA B 122 21.42 -11.11 9.38
C ALA B 122 20.48 -10.32 8.52
N LYS B 123 19.94 -10.98 7.49
CA LYS B 123 19.03 -10.36 6.51
C LYS B 123 17.73 -9.83 7.15
N MET B 124 17.21 -10.55 8.14
CA MET B 124 15.91 -10.24 8.75
C MET B 124 14.88 -9.85 7.68
N PHE B 125 14.28 -8.66 7.78
CA PHE B 125 13.26 -8.20 6.83
C PHE B 125 13.82 -7.23 5.78
N THR B 126 15.11 -7.26 5.50
CA THR B 126 15.70 -6.34 4.52
C THR B 126 15.00 -6.37 3.16
N ASP B 127 14.62 -7.57 2.70
CA ASP B 127 14.02 -7.71 1.38
C ASP B 127 12.51 -7.54 1.40
N LEU B 128 11.95 -7.04 2.52
CA LEU B 128 10.51 -6.76 2.54
C LEU B 128 10.09 -5.81 1.40
N THR B 129 11.01 -4.91 0.98
CA THR B 129 10.71 -3.97 -0.09
C THR B 129 10.49 -4.65 -1.44
N LYS B 130 10.86 -5.92 -1.54
CA LYS B 130 10.65 -6.72 -2.76
CA LYS B 130 10.63 -6.66 -2.79
C LYS B 130 9.22 -7.26 -2.87
N LEU B 131 8.52 -7.33 -1.73
CA LEU B 131 7.19 -7.94 -1.72
C LEU B 131 6.19 -7.13 -2.52
N LYS B 132 5.34 -7.85 -3.24
CA LYS B 132 4.29 -7.24 -4.06
C LYS B 132 2.92 -7.68 -3.58
N VAL B 133 1.90 -6.87 -3.86
CA VAL B 133 0.54 -7.35 -3.66
C VAL B 133 0.37 -8.71 -4.37
N GLY B 134 -0.38 -9.59 -3.73
CA GLY B 134 -0.55 -10.93 -4.24
C GLY B 134 0.46 -11.95 -3.74
N ASP B 135 1.62 -11.52 -3.24
CA ASP B 135 2.60 -12.47 -2.70
C ASP B 135 2.06 -13.07 -1.41
N LYS B 136 2.49 -14.29 -1.10
CA LYS B 136 1.98 -14.95 0.09
CA LYS B 136 2.01 -15.05 0.05
C LYS B 136 3.02 -15.08 1.18
N PHE B 137 2.53 -15.16 2.41
CA PHE B 137 3.40 -15.49 3.51
C PHE B 137 2.64 -16.38 4.47
N TYR B 138 3.38 -17.06 5.34
CA TYR B 138 2.83 -18.13 6.18
C TYR B 138 3.25 -17.90 7.61
N VAL B 139 2.27 -17.90 8.50
CA VAL B 139 2.55 -17.74 9.92
C VAL B 139 2.36 -19.09 10.57
N HIS B 140 3.46 -19.59 11.14
CA HIS B 140 3.46 -20.89 11.79
C HIS B 140 3.28 -20.71 13.29
N ASN B 141 2.31 -21.39 13.89
CA ASN B 141 2.19 -21.40 15.35
C ASN B 141 2.11 -22.85 15.85
N ILE B 142 1.89 -23.04 17.15
CA ILE B 142 1.92 -24.41 17.70
C ILE B 142 0.82 -25.30 17.14
N LYS B 143 -0.26 -24.70 16.63
CA LYS B 143 -1.43 -25.43 16.13
C LYS B 143 -1.35 -25.75 14.64
N GLU B 144 -0.90 -24.79 13.83
CA GLU B 144 -1.10 -24.88 12.38
C GLU B 144 -0.24 -23.87 11.65
N VAL B 145 -0.34 -23.92 10.32
CA VAL B 145 0.25 -22.91 9.45
C VAL B 145 -0.91 -22.11 8.86
N MET B 146 -0.82 -20.79 8.96
CA MET B 146 -1.83 -19.89 8.39
C MET B 146 -1.27 -19.14 7.20
N ALA B 147 -2.01 -19.09 6.11
CA ALA B 147 -1.60 -18.40 4.91
C ALA B 147 -2.21 -17.01 4.82
N TYR B 148 -1.38 -16.04 4.42
CA TYR B 148 -1.81 -14.66 4.19
C TYR B 148 -1.39 -14.21 2.80
N GLN B 149 -2.14 -13.29 2.23
CA GLN B 149 -1.86 -12.76 0.90
C GLN B 149 -1.74 -11.25 0.99
N VAL B 150 -0.61 -10.70 0.55
CA VAL B 150 -0.38 -9.26 0.64
C VAL B 150 -1.43 -8.49 -0.15
N ASP B 151 -2.06 -7.50 0.47
CA ASP B 151 -3.05 -6.66 -0.19
CA ASP B 151 -3.01 -6.65 -0.25
C ASP B 151 -2.75 -5.16 -0.12
N GLN B 152 -1.78 -4.78 0.72
CA GLN B 152 -1.45 -3.36 0.87
C GLN B 152 -0.02 -3.22 1.35
N VAL B 153 0.74 -2.32 0.74
CA VAL B 153 2.09 -1.97 1.20
C VAL B 153 2.06 -0.48 1.42
N LYS B 154 2.51 -0.01 2.58
CA LYS B 154 2.34 1.40 2.96
CA LYS B 154 2.52 1.43 2.76
C LYS B 154 3.61 1.89 3.69
N VAL B 155 3.92 3.17 3.57
CA VAL B 155 4.98 3.80 4.35
C VAL B 155 4.37 4.82 5.30
N ILE B 156 4.81 4.77 6.55
CA ILE B 156 4.24 5.63 7.60
C ILE B 156 5.35 6.28 8.40
N GLU B 157 5.01 7.32 9.16
CA GLU B 157 5.93 7.84 10.19
C GLU B 157 5.89 6.86 11.39
N PRO B 158 6.99 6.77 12.15
CA PRO B 158 7.13 5.75 13.20
C PRO B 158 6.07 5.65 14.30
N THR B 159 5.46 6.75 14.67
CA THR B 159 4.50 6.72 15.79
C THR B 159 3.05 6.76 15.33
N ASN B 160 2.82 6.59 14.03
CA ASN B 160 1.45 6.46 13.52
C ASN B 160 1.05 5.00 13.56
N PHE B 161 0.17 4.64 14.49
CA PHE B 161 -0.26 3.24 14.64
C PHE B 161 -1.62 2.94 14.03
N ASP B 162 -2.22 3.89 13.32
CA ASP B 162 -3.59 3.70 12.83
C ASP B 162 -3.75 2.44 11.97
N ASP B 163 -2.71 2.11 11.20
CA ASP B 163 -2.80 1.00 10.25
C ASP B 163 -2.41 -0.32 10.90
N LEU B 164 -2.13 -0.31 12.20
CA LEU B 164 -1.69 -1.51 12.92
C LEU B 164 -2.76 -2.07 13.84
N LEU B 165 -3.92 -1.42 13.90
CA LEU B 165 -4.98 -1.82 14.82
C LEU B 165 -5.97 -2.78 14.16
N ILE B 166 -6.76 -3.45 14.96
CA ILE B 166 -7.76 -4.36 14.44
C ILE B 166 -8.74 -3.61 13.54
N VAL B 167 -9.00 -4.16 12.36
CA VAL B 167 -10.09 -3.70 11.51
C VAL B 167 -11.22 -4.74 11.63
N PRO B 168 -12.36 -4.33 12.22
CA PRO B 168 -13.43 -5.31 12.38
C PRO B 168 -13.80 -5.96 11.03
N GLY B 169 -13.99 -7.28 11.04
CA GLY B 169 -14.38 -7.97 9.84
C GLY B 169 -13.23 -8.51 9.00
N HIS B 170 -11.99 -8.33 9.46
CA HIS B 170 -10.81 -8.77 8.70
C HIS B 170 -9.86 -9.56 9.60
N ASP B 171 -9.09 -10.43 8.96
CA ASP B 171 -8.05 -11.24 9.60
C ASP B 171 -6.78 -10.84 8.88
N TYR B 172 -6.01 -9.97 9.54
CA TYR B 172 -4.81 -9.38 8.95
C TYR B 172 -3.55 -9.74 9.72
N VAL B 173 -2.43 -9.81 9.01
CA VAL B 173 -1.11 -9.78 9.65
C VAL B 173 -0.34 -8.71 8.89
N THR B 174 0.29 -7.82 9.64
CA THR B 174 1.19 -6.85 9.02
C THR B 174 2.62 -7.15 9.40
N LEU B 175 3.50 -7.09 8.40
CA LEU B 175 4.95 -7.23 8.58
C LEU B 175 5.52 -5.83 8.59
N LEU B 176 6.25 -5.49 9.65
CA LEU B 176 6.70 -4.12 9.94
CA LEU B 176 6.70 -4.12 9.87
C LEU B 176 8.21 -4.04 9.95
N THR B 177 8.79 -3.08 9.22
CA THR B 177 10.22 -2.83 9.31
C THR B 177 10.51 -1.35 9.11
N CYS B 178 11.78 -0.97 9.20
CA CYS B 178 12.19 0.42 9.00
CA CYS B 178 12.19 0.42 9.00
C CYS B 178 12.49 0.65 7.53
N THR B 179 12.28 1.87 7.07
CA THR B 179 12.46 2.20 5.66
C THR B 179 12.65 3.72 5.56
N PRO B 180 13.16 4.23 4.43
CA PRO B 180 13.84 3.54 3.34
C PRO B 180 15.06 2.80 3.83
N TYR B 181 15.50 1.83 3.04
CA TYR B 181 16.72 1.08 3.27
C TYR B 181 17.87 2.04 3.61
N MET B 182 18.51 1.81 4.76
CA MET B 182 19.68 2.59 5.20
C MET B 182 19.40 4.06 5.46
N ILE B 183 18.12 4.37 5.68
CA ILE B 183 17.67 5.73 6.03
CA ILE B 183 17.70 5.73 6.05
C ILE B 183 16.84 5.67 7.32
N ASN B 184 15.80 4.82 7.31
CA ASN B 184 15.13 4.40 8.56
C ASN B 184 14.31 5.46 9.26
N THR B 185 13.95 6.51 8.53
CA THR B 185 13.14 7.61 9.08
C THR B 185 11.65 7.24 9.16
N HIS B 186 11.26 6.20 8.42
CA HIS B 186 9.86 5.83 8.27
C HIS B 186 9.72 4.33 8.55
N ARG B 187 8.50 3.82 8.44
CA ARG B 187 8.27 2.38 8.61
C ARG B 187 7.54 1.88 7.39
N LEU B 188 7.90 0.66 6.98
CA LEU B 188 7.26 -0.08 5.90
C LEU B 188 6.31 -1.10 6.49
N LEU B 189 5.08 -1.09 6.00
CA LEU B 189 4.02 -2.00 6.46
CA LEU B 189 4.05 -2.02 6.47
C LEU B 189 3.57 -2.85 5.29
N VAL B 190 3.77 -4.17 5.39
CA VAL B 190 3.29 -5.07 4.35
C VAL B 190 2.16 -5.86 4.99
N ARG B 191 0.94 -5.55 4.56
CA ARG B 191 -0.27 -6.17 5.13
C ARG B 191 -0.78 -7.31 4.27
N GLY B 192 -1.06 -8.45 4.90
CA GLY B 192 -1.74 -9.56 4.19
C GLY B 192 -3.05 -9.90 4.86
N HIS B 193 -4.02 -10.36 4.07
CA HIS B 193 -5.26 -10.91 4.62
C HIS B 193 -5.21 -12.42 4.57
N ARG B 194 -5.91 -13.04 5.51
CA ARG B 194 -5.94 -14.48 5.64
C ARG B 194 -6.63 -15.10 4.44
N ILE B 195 -6.05 -16.20 3.93
CA ILE B 195 -6.66 -16.97 2.85
C ILE B 195 -6.71 -18.44 3.24
N PRO B 196 -7.61 -19.21 2.64
CA PRO B 196 -7.67 -20.65 2.95
C PRO B 196 -6.37 -21.36 2.64
N TYR B 197 -6.06 -22.36 3.45
CA TYR B 197 -4.85 -23.13 3.25
C TYR B 197 -5.02 -24.51 3.83
N VAL B 198 -4.61 -25.51 3.06
CA VAL B 198 -4.50 -26.88 3.59
C VAL B 198 -3.09 -27.38 3.29
N ALA B 199 -2.38 -27.77 4.35
CA ALA B 199 -0.94 -28.05 4.25
C ALA B 199 -0.62 -29.24 3.39
N GLU B 200 0.57 -29.17 2.78
CA GLU B 200 1.20 -30.27 2.02
C GLU B 200 0.48 -30.56 0.71
#